data_5N3V
#
_entry.id   5N3V
#
_cell.length_a   92.694
_cell.length_b   92.694
_cell.length_c   130.154
_cell.angle_alpha   90.00
_cell.angle_beta   90.00
_cell.angle_gamma   120.00
#
_symmetry.space_group_name_H-M   'P 61 2 2'
#
loop_
_entity.id
_entity.type
_entity.pdbx_description
1 polymer Thermolysin
2 non-polymer 'ZINC ION'
3 non-polymer 'CALCIUM ION'
4 non-polymer N-(aminomethyl)-N~2~-[(R)-({[(benzyloxy)carbonyl]amino}methyl)(hydroxy)phosphoryl]-L-leucinamide
5 non-polymer (4S)-2-METHYL-2,4-PENTANEDIOL
6 non-polymer 'DIMETHYL SULFOXIDE'
7 water water
#
_entity_poly.entity_id   1
_entity_poly.type   'polypeptide(L)'
_entity_poly.pdbx_seq_one_letter_code
;ITGTSTVGVGRGVLGDQKNINTTYSTYYYLQDNTRGNGIFTYDAKYRTTLPGSLWADADNQFFASYDAPAVDAHYYAGVT
YDYYKNVHNRLSYDGNNAAIRSSVHYSQGYNNAFWNGSQMVYGDGDGQTFIPLSGGIDVVAHELTHAVTDYTAGLIYQNE
SGAINEAISDIFGTLVEFYANKNPDWEIGEDVYTPGISGDSLRSMSDPAKYGDPDHYSKRYTGTQDNGGVHINSGIINKA
AYLISQGGTHYGVSVVGIGRDKLGKIFYRALTQYLTPTSNFSQLRAAAVQSATDLYGSTSQEVASVKQAFDAVGVK
;
_entity_poly.pdbx_strand_id   E
#
loop_
_chem_comp.id
_chem_comp.type
_chem_comp.name
_chem_comp.formula
8L5 non-polymer N-(aminomethyl)-N~2~-[(R)-({[(benzyloxy)carbonyl]amino}methyl)(hydroxy)phosphoryl]-L-leucinamide 'C16 H27 N4 O5 P'
CA non-polymer 'CALCIUM ION' 'Ca 2'
DMS non-polymer 'DIMETHYL SULFOXIDE' 'C2 H6 O S'
MPD non-polymer (4S)-2-METHYL-2,4-PENTANEDIOL 'C6 H14 O2'
ZN non-polymer 'ZINC ION' 'Zn 2'
#
# COMPACT_ATOMS: atom_id res chain seq x y z
N ILE A 1 -10.30 -20.22 12.21
CA ILE A 1 -10.80 -21.59 12.58
C ILE A 1 -9.65 -22.45 13.11
N THR A 2 -9.98 -23.42 13.95
CA THR A 2 -9.00 -24.40 14.40
C THR A 2 -8.84 -25.47 13.33
N GLY A 3 -7.61 -25.79 13.00
CA GLY A 3 -7.36 -26.82 12.01
C GLY A 3 -5.87 -27.05 11.88
N THR A 4 -5.44 -27.57 10.75
CA THR A 4 -4.01 -27.78 10.52
C THR A 4 -3.57 -26.98 9.31
N SER A 5 -2.34 -26.48 9.37
CA SER A 5 -1.82 -25.63 8.31
C SER A 5 -1.49 -26.46 7.08
N THR A 6 -1.90 -25.97 5.94
CA THR A 6 -1.80 -26.64 4.66
C THR A 6 -1.27 -25.64 3.63
N VAL A 7 -0.94 -26.15 2.44
CA VAL A 7 -0.47 -25.32 1.35
C VAL A 7 -1.27 -25.67 0.11
N GLY A 8 -2.07 -24.70 -0.35
CA GLY A 8 -2.81 -24.82 -1.57
C GLY A 8 -2.09 -24.16 -2.73
N VAL A 9 -2.71 -24.25 -3.89
N VAL A 9 -2.69 -24.29 -3.90
CA VAL A 9 -2.14 -23.69 -5.12
CA VAL A 9 -2.14 -23.72 -5.13
C VAL A 9 -3.27 -23.08 -5.91
C VAL A 9 -3.29 -23.07 -5.89
N GLY A 10 -3.00 -21.97 -6.58
CA GLY A 10 -4.02 -21.34 -7.36
C GLY A 10 -3.44 -20.34 -8.34
N ARG A 11 -4.34 -19.61 -8.98
CA ARG A 11 -3.98 -18.60 -9.95
C ARG A 11 -4.56 -17.26 -9.55
N GLY A 12 -3.75 -16.22 -9.65
CA GLY A 12 -4.19 -14.88 -9.32
C GLY A 12 -4.87 -14.17 -10.50
N VAL A 13 -5.20 -12.91 -10.25
CA VAL A 13 -5.97 -12.09 -11.19
C VAL A 13 -5.29 -12.01 -12.54
N LEU A 14 -3.95 -11.94 -12.56
N LEU A 14 -3.96 -11.93 -12.56
CA LEU A 14 -3.20 -11.84 -13.81
CA LEU A 14 -3.23 -11.81 -13.82
C LEU A 14 -2.79 -13.19 -14.38
C LEU A 14 -2.94 -13.16 -14.48
N GLY A 15 -3.36 -14.27 -13.87
CA GLY A 15 -3.16 -15.59 -14.44
C GLY A 15 -1.92 -16.31 -13.98
N ASP A 16 -1.23 -15.78 -12.99
CA ASP A 16 0.00 -16.38 -12.50
C ASP A 16 -0.29 -17.37 -11.39
N GLN A 17 0.46 -18.47 -11.37
CA GLN A 17 0.27 -19.52 -10.39
C GLN A 17 1.09 -19.22 -9.13
N LYS A 18 0.48 -19.42 -7.98
CA LYS A 18 1.21 -19.24 -6.74
C LYS A 18 0.69 -20.21 -5.68
N ASN A 19 1.55 -20.54 -4.73
CA ASN A 19 1.17 -21.32 -3.57
C ASN A 19 0.63 -20.39 -2.49
N ILE A 20 -0.36 -20.87 -1.73
N ILE A 20 -0.35 -20.85 -1.74
CA ILE A 20 -0.98 -20.07 -0.68
CA ILE A 20 -0.92 -20.08 -0.65
C ILE A 20 -1.15 -20.90 0.58
C ILE A 20 -1.03 -20.93 0.60
N ASN A 21 -0.90 -20.27 1.74
CA ASN A 21 -1.04 -20.91 3.02
C ASN A 21 -2.50 -20.97 3.41
N THR A 22 -2.99 -22.18 3.65
CA THR A 22 -4.39 -22.43 3.97
C THR A 22 -4.47 -23.21 5.29
N THR A 23 -5.70 -23.46 5.73
CA THR A 23 -5.98 -24.24 6.92
C THR A 23 -7.03 -25.28 6.58
N TYR A 24 -6.79 -26.53 6.97
CA TYR A 24 -7.74 -27.60 6.72
C TYR A 24 -8.54 -27.91 7.98
N SER A 25 -9.87 -27.87 7.85
CA SER A 25 -10.79 -28.37 8.86
C SER A 25 -12.09 -28.59 8.08
N THR A 26 -12.26 -29.81 7.55
CA THR A 26 -13.34 -30.20 6.64
C THR A 26 -13.20 -29.56 5.27
N TYR A 27 -13.21 -28.23 5.22
CA TYR A 27 -12.82 -27.45 4.05
C TYR A 27 -11.39 -26.95 4.22
N TYR A 28 -10.84 -26.47 3.10
CA TYR A 28 -9.60 -25.69 3.11
C TYR A 28 -9.97 -24.20 3.11
N TYR A 29 -9.49 -23.48 4.11
CA TYR A 29 -9.80 -22.08 4.29
C TYR A 29 -8.61 -21.21 3.93
N LEU A 30 -8.89 -20.00 3.43
CA LEU A 30 -7.85 -18.99 3.23
C LEU A 30 -7.52 -18.38 4.59
N GLN A 31 -6.72 -19.14 5.33
CA GLN A 31 -6.25 -18.80 6.67
C GLN A 31 -4.80 -19.26 6.74
N ASP A 32 -3.89 -18.28 6.75
CA ASP A 32 -2.45 -18.49 6.78
C ASP A 32 -1.98 -18.37 8.22
N ASN A 33 -1.61 -19.48 8.84
CA ASN A 33 -1.17 -19.48 10.22
C ASN A 33 0.32 -19.25 10.38
N THR A 34 1.04 -19.05 9.28
CA THR A 34 2.49 -18.94 9.32
C THR A 34 2.96 -17.54 9.66
N ARG A 35 2.06 -16.56 9.69
CA ARG A 35 2.40 -15.16 9.88
C ARG A 35 1.57 -14.60 11.03
N GLY A 36 2.25 -14.24 12.11
CA GLY A 36 1.58 -13.60 13.22
C GLY A 36 0.44 -14.43 13.77
N ASN A 37 -0.65 -13.75 14.07
CA ASN A 37 -1.87 -14.39 14.50
C ASN A 37 -2.81 -14.65 13.35
N GLY A 38 -2.28 -14.73 12.16
CA GLY A 38 -2.98 -15.23 11.00
C GLY A 38 -3.30 -14.14 9.99
N ILE A 39 -3.44 -14.59 8.74
CA ILE A 39 -3.99 -13.81 7.64
C ILE A 39 -5.22 -14.54 7.15
N PHE A 40 -6.34 -13.84 7.09
CA PHE A 40 -7.65 -14.43 6.83
C PHE A 40 -8.29 -13.69 5.67
N THR A 41 -8.78 -14.43 4.67
CA THR A 41 -9.39 -13.82 3.49
C THR A 41 -10.83 -14.33 3.36
N TYR A 42 -11.74 -13.39 3.10
CA TYR A 42 -13.18 -13.60 3.15
C TYR A 42 -13.82 -13.30 1.79
N ASP A 43 -14.96 -13.95 1.56
CA ASP A 43 -15.79 -13.73 0.38
C ASP A 43 -16.94 -12.79 0.76
N ALA A 44 -16.97 -11.60 0.17
CA ALA A 44 -18.11 -10.70 0.36
C ALA A 44 -19.24 -10.95 -0.64
N LYS A 45 -19.05 -11.84 -1.62
CA LYS A 45 -20.15 -12.39 -2.44
C LYS A 45 -20.94 -11.31 -3.19
N TYR A 46 -20.24 -10.27 -3.63
CA TYR A 46 -20.81 -9.15 -4.39
C TYR A 46 -21.67 -8.24 -3.55
N ARG A 47 -21.70 -8.43 -2.23
CA ARG A 47 -22.49 -7.59 -1.34
C ARG A 47 -21.59 -6.65 -0.57
N THR A 48 -22.21 -5.85 0.31
CA THR A 48 -21.49 -4.83 1.04
C THR A 48 -21.48 -5.10 2.54
N THR A 49 -22.04 -6.22 2.98
N THR A 49 -21.97 -6.26 2.98
CA THR A 49 -21.88 -6.66 4.34
CA THR A 49 -21.92 -6.64 4.39
C THR A 49 -20.47 -7.19 4.54
C THR A 49 -20.59 -7.33 4.68
N LEU A 50 -19.85 -6.79 5.65
CA LEU A 50 -18.47 -7.19 5.92
C LEU A 50 -18.35 -7.90 7.25
N PRO A 51 -17.43 -8.88 7.35
CA PRO A 51 -16.46 -9.26 6.32
C PRO A 51 -16.99 -10.22 5.25
N GLY A 52 -18.17 -10.81 5.46
CA GLY A 52 -18.58 -11.93 4.65
C GLY A 52 -18.13 -13.23 5.27
N SER A 53 -17.87 -14.23 4.46
N SER A 53 -17.98 -14.28 4.48
CA SER A 53 -17.59 -15.57 4.91
CA SER A 53 -17.64 -15.60 5.01
C SER A 53 -16.11 -15.89 4.74
C SER A 53 -16.19 -15.97 4.74
N LEU A 54 -15.51 -16.52 5.76
CA LEU A 54 -14.12 -16.95 5.61
C LEU A 54 -14.06 -17.88 4.40
N TRP A 55 -13.09 -17.64 3.50
CA TRP A 55 -13.12 -18.31 2.22
C TRP A 55 -12.86 -19.79 2.38
N ALA A 56 -13.82 -20.61 1.94
CA ALA A 56 -13.79 -22.06 2.04
C ALA A 56 -13.72 -22.68 0.67
N ASP A 57 -12.90 -23.73 0.53
CA ASP A 57 -12.68 -24.41 -0.73
C ASP A 57 -12.56 -25.92 -0.48
N ALA A 58 -13.19 -26.71 -1.34
CA ALA A 58 -13.28 -28.14 -1.10
C ALA A 58 -11.96 -28.89 -1.29
N ASP A 59 -11.09 -28.43 -2.21
CA ASP A 59 -9.94 -29.24 -2.63
C ASP A 59 -8.57 -28.57 -2.53
N ASN A 60 -8.48 -27.35 -1.99
CA ASN A 60 -7.20 -26.66 -1.82
C ASN A 60 -6.57 -26.23 -3.15
N GLN A 61 -7.35 -26.23 -4.23
CA GLN A 61 -6.92 -25.73 -5.53
C GLN A 61 -7.79 -24.53 -5.89
N PHE A 62 -7.14 -23.43 -6.27
CA PHE A 62 -7.83 -22.16 -6.41
C PHE A 62 -7.61 -21.60 -7.82
N PHE A 63 -8.08 -22.33 -8.82
CA PHE A 63 -7.91 -21.97 -10.23
C PHE A 63 -9.17 -21.44 -10.89
N ALA A 64 -10.28 -21.32 -10.17
CA ALA A 64 -11.49 -20.78 -10.78
C ALA A 64 -11.35 -19.28 -10.92
N SER A 65 -12.02 -18.71 -11.93
N SER A 65 -12.01 -18.72 -11.94
N SER A 65 -12.01 -18.73 -11.94
CA SER A 65 -11.97 -17.26 -12.09
CA SER A 65 -11.96 -17.28 -12.09
CA SER A 65 -12.02 -17.29 -12.12
C SER A 65 -12.45 -16.55 -10.84
C SER A 65 -12.42 -16.57 -10.82
C SER A 65 -12.45 -16.57 -10.84
N TYR A 66 -13.48 -17.09 -10.17
CA TYR A 66 -13.98 -16.46 -8.96
C TYR A 66 -12.94 -16.47 -7.84
N ASP A 67 -12.01 -17.44 -7.87
CA ASP A 67 -11.01 -17.56 -6.82
C ASP A 67 -9.91 -16.50 -6.94
N ALA A 68 -9.67 -15.98 -8.14
CA ALA A 68 -8.43 -15.23 -8.40
C ALA A 68 -8.25 -14.03 -7.49
N PRO A 69 -9.26 -13.19 -7.23
CA PRO A 69 -9.02 -12.05 -6.34
C PRO A 69 -8.68 -12.47 -4.94
N ALA A 70 -9.22 -13.61 -4.48
CA ALA A 70 -8.93 -14.10 -3.14
C ALA A 70 -7.51 -14.58 -3.03
N VAL A 71 -7.04 -15.33 -4.04
CA VAL A 71 -5.67 -15.80 -4.07
C VAL A 71 -4.71 -14.63 -3.89
N ASP A 72 -4.90 -13.56 -4.67
CA ASP A 72 -3.97 -12.44 -4.64
C ASP A 72 -4.10 -11.61 -3.36
N ALA A 73 -5.32 -11.36 -2.87
CA ALA A 73 -5.45 -10.64 -1.61
C ALA A 73 -4.71 -11.36 -0.49
N HIS A 74 -4.85 -12.68 -0.46
CA HIS A 74 -4.26 -13.51 0.58
C HIS A 74 -2.73 -13.53 0.45
N TYR A 75 -2.25 -13.81 -0.76
CA TYR A 75 -0.82 -13.94 -1.00
C TYR A 75 -0.11 -12.58 -0.79
N TYR A 76 -0.67 -11.51 -1.34
CA TYR A 76 0.00 -10.22 -1.23
C TYR A 76 -0.08 -9.64 0.18
N ALA A 77 -1.12 -10.00 0.96
CA ALA A 77 -1.07 -9.64 2.37
C ALA A 77 0.11 -10.32 3.06
N GLY A 78 0.41 -11.56 2.68
CA GLY A 78 1.57 -12.24 3.23
C GLY A 78 2.87 -11.55 2.85
N VAL A 79 3.01 -11.14 1.59
CA VAL A 79 4.24 -10.44 1.18
C VAL A 79 4.38 -9.16 1.98
N THR A 80 3.29 -8.43 2.16
CA THR A 80 3.34 -7.16 2.88
C THR A 80 3.70 -7.37 4.35
N TYR A 81 3.11 -8.38 4.98
CA TYR A 81 3.51 -8.77 6.34
C TYR A 81 5.01 -9.04 6.39
N ASP A 82 5.52 -9.79 5.42
CA ASP A 82 6.95 -10.13 5.43
C ASP A 82 7.81 -8.88 5.27
N TYR A 83 7.40 -7.94 4.41
CA TYR A 83 8.15 -6.70 4.27
C TYR A 83 8.26 -5.99 5.61
N TYR A 84 7.13 -5.75 6.27
CA TYR A 84 7.18 -5.02 7.52
C TYR A 84 7.99 -5.75 8.59
N LYS A 85 7.85 -7.07 8.67
CA LYS A 85 8.60 -7.82 9.68
C LYS A 85 10.09 -7.84 9.35
N ASN A 86 10.44 -8.20 8.13
CA ASN A 86 11.83 -8.43 7.77
C ASN A 86 12.61 -7.13 7.62
N VAL A 87 11.97 -6.08 7.11
CA VAL A 87 12.67 -4.84 6.82
C VAL A 87 12.60 -3.87 8.00
N HIS A 88 11.45 -3.79 8.68
CA HIS A 88 11.25 -2.81 9.74
C HIS A 88 11.07 -3.40 11.12
N ASN A 89 11.17 -4.72 11.26
CA ASN A 89 10.97 -5.38 12.54
C ASN A 89 9.62 -5.01 13.15
N ARG A 90 8.59 -4.89 12.30
CA ARG A 90 7.24 -4.62 12.74
C ARG A 90 6.38 -5.85 12.52
N LEU A 91 5.68 -6.27 13.58
CA LEU A 91 4.85 -7.47 13.57
C LEU A 91 3.40 -7.06 13.32
N SER A 92 2.95 -7.22 12.08
CA SER A 92 1.62 -6.82 11.63
C SER A 92 1.39 -5.33 11.78
N TYR A 93 0.15 -4.90 11.53
CA TYR A 93 -0.12 -3.47 11.47
C TYR A 93 -0.06 -2.80 12.82
N ASP A 94 -0.38 -3.53 13.89
CA ASP A 94 -0.37 -2.98 15.25
C ASP A 94 0.95 -3.19 15.98
N GLY A 95 1.91 -3.85 15.36
CA GLY A 95 3.15 -4.17 16.03
C GLY A 95 3.08 -5.32 17.01
N ASN A 96 1.89 -5.93 17.15
N ASN A 96 1.91 -5.93 17.19
CA ASN A 96 1.66 -7.04 18.08
CA ASN A 96 1.74 -7.08 18.07
C ASN A 96 1.07 -8.26 17.37
C ASN A 96 0.99 -8.19 17.36
N ASN A 97 1.28 -8.37 16.07
CA ASN A 97 0.82 -9.53 15.31
C ASN A 97 -0.70 -9.63 15.23
N ALA A 98 -1.41 -8.50 15.15
CA ALA A 98 -2.84 -8.56 14.93
C ALA A 98 -3.16 -9.38 13.68
N ALA A 99 -4.24 -10.13 13.75
CA ALA A 99 -4.75 -10.86 12.59
C ALA A 99 -5.07 -9.87 11.47
N ILE A 100 -4.70 -10.25 10.26
CA ILE A 100 -4.92 -9.42 9.08
C ILE A 100 -6.08 -10.02 8.30
N ARG A 101 -7.13 -9.23 8.09
CA ARG A 101 -8.34 -9.70 7.45
C ARG A 101 -8.62 -8.89 6.18
N SER A 102 -8.99 -9.58 5.12
CA SER A 102 -9.36 -8.97 3.85
C SER A 102 -10.64 -9.59 3.32
N SER A 103 -11.49 -8.79 2.67
CA SER A 103 -12.63 -9.29 1.93
C SER A 103 -12.51 -8.92 0.46
N VAL A 104 -12.80 -9.89 -0.42
CA VAL A 104 -12.82 -9.68 -1.85
C VAL A 104 -14.24 -9.87 -2.38
N HIS A 105 -14.43 -9.55 -3.65
CA HIS A 105 -15.76 -9.53 -4.25
C HIS A 105 -16.70 -8.59 -3.49
N TYR A 106 -16.16 -7.45 -3.07
CA TYR A 106 -17.00 -6.44 -2.43
C TYR A 106 -17.81 -5.68 -3.46
N SER A 107 -19.13 -5.67 -3.24
CA SER A 107 -20.08 -4.91 -4.04
C SER A 107 -20.07 -5.38 -5.50
N GLN A 108 -20.62 -4.54 -6.39
CA GLN A 108 -20.68 -4.82 -7.83
C GLN A 108 -20.08 -3.64 -8.57
N GLY A 109 -19.18 -3.93 -9.51
CA GLY A 109 -18.57 -2.87 -10.31
C GLY A 109 -17.76 -1.89 -9.51
N TYR A 110 -17.19 -2.31 -8.37
CA TYR A 110 -16.63 -1.37 -7.41
C TYR A 110 -15.17 -1.10 -7.75
N ASN A 111 -14.90 0.13 -8.18
CA ASN A 111 -13.60 0.54 -8.70
C ASN A 111 -12.71 1.10 -7.59
N ASN A 112 -12.53 0.35 -6.50
CA ASN A 112 -11.76 0.87 -5.40
C ASN A 112 -11.40 -0.26 -4.45
N ALA A 113 -10.58 0.10 -3.46
CA ALA A 113 -10.20 -0.75 -2.35
C ALA A 113 -9.99 0.18 -1.15
N PHE A 114 -10.13 -0.36 0.06
CA PHE A 114 -9.99 0.48 1.25
C PHE A 114 -9.75 -0.36 2.48
N TRP A 115 -9.22 0.30 3.50
CA TRP A 115 -9.19 -0.17 4.88
C TRP A 115 -10.37 0.50 5.59
N ASN A 116 -11.23 -0.30 6.23
CA ASN A 116 -12.47 0.22 6.79
C ASN A 116 -12.37 0.56 8.28
N GLY A 117 -11.16 0.61 8.83
CA GLY A 117 -10.89 0.76 10.25
C GLY A 117 -10.53 -0.55 10.93
N SER A 118 -10.85 -1.68 10.30
CA SER A 118 -10.66 -3.01 10.88
C SER A 118 -10.14 -4.06 9.92
N GLN A 119 -10.27 -3.86 8.60
CA GLN A 119 -9.95 -4.88 7.62
C GLN A 119 -9.75 -4.21 6.26
N MET A 120 -9.13 -4.94 5.34
CA MET A 120 -9.02 -4.54 3.94
C MET A 120 -10.23 -5.05 3.15
N VAL A 121 -10.58 -4.26 2.13
CA VAL A 121 -11.75 -4.52 1.30
C VAL A 121 -11.40 -4.22 -0.16
N TYR A 122 -11.69 -5.17 -1.05
CA TYR A 122 -11.36 -5.02 -2.47
C TYR A 122 -12.58 -5.20 -3.36
N GLY A 123 -12.83 -4.21 -4.21
CA GLY A 123 -13.75 -4.41 -5.31
C GLY A 123 -13.20 -5.30 -6.41
N ASP A 124 -14.10 -5.70 -7.30
CA ASP A 124 -13.74 -6.40 -8.52
C ASP A 124 -13.49 -5.46 -9.68
N GLY A 125 -13.78 -4.17 -9.51
CA GLY A 125 -13.76 -3.25 -10.63
C GLY A 125 -14.93 -3.48 -11.55
N ASP A 126 -15.08 -2.60 -12.55
CA ASP A 126 -16.13 -2.76 -13.55
C ASP A 126 -15.60 -3.39 -14.85
N GLY A 127 -14.35 -3.83 -14.84
CA GLY A 127 -13.74 -4.46 -16.00
C GLY A 127 -13.18 -3.49 -17.01
N GLN A 128 -13.43 -2.19 -16.85
CA GLN A 128 -12.99 -1.16 -17.75
C GLN A 128 -12.02 -0.21 -17.08
N THR A 129 -12.41 0.37 -15.94
CA THR A 129 -11.50 1.20 -15.16
C THR A 129 -10.54 0.35 -14.34
N PHE A 130 -11.04 -0.73 -13.71
CA PHE A 130 -10.22 -1.66 -12.96
C PHE A 130 -10.68 -3.08 -13.22
N ILE A 131 -9.73 -4.02 -13.10
CA ILE A 131 -10.00 -5.43 -12.84
C ILE A 131 -9.84 -5.65 -11.33
N PRO A 132 -10.06 -6.85 -10.79
CA PRO A 132 -10.11 -6.97 -9.34
C PRO A 132 -8.84 -6.42 -8.68
N LEU A 133 -9.03 -5.55 -7.69
CA LEU A 133 -7.94 -4.65 -7.32
C LEU A 133 -6.86 -5.33 -6.49
N SER A 134 -7.15 -6.47 -5.88
CA SER A 134 -6.14 -7.22 -5.17
C SER A 134 -5.08 -7.81 -6.11
N GLY A 135 -5.27 -7.72 -7.42
CA GLY A 135 -4.22 -8.13 -8.34
C GLY A 135 -3.00 -7.22 -8.34
N GLY A 136 -3.07 -6.06 -7.69
CA GLY A 136 -1.94 -5.16 -7.61
C GLY A 136 -1.27 -5.26 -6.25
N ILE A 137 -0.02 -5.72 -6.25
N ILE A 137 -0.01 -5.69 -6.25
CA ILE A 137 0.73 -5.80 -5.01
CA ILE A 137 0.70 -5.80 -4.98
C ILE A 137 0.82 -4.42 -4.35
C ILE A 137 0.86 -4.43 -4.33
N ASP A 138 1.08 -3.38 -5.14
CA ASP A 138 1.14 -2.03 -4.58
C ASP A 138 -0.18 -1.61 -3.96
N VAL A 139 -1.29 -2.04 -4.56
CA VAL A 139 -2.62 -1.76 -4.00
C VAL A 139 -2.79 -2.44 -2.65
N VAL A 140 -2.51 -3.73 -2.57
CA VAL A 140 -2.66 -4.45 -1.32
C VAL A 140 -1.80 -3.82 -0.23
N ALA A 141 -0.54 -3.53 -0.55
CA ALA A 141 0.34 -2.93 0.45
C ALA A 141 -0.09 -1.50 0.79
N HIS A 142 -0.63 -0.75 -0.18
CA HIS A 142 -1.21 0.56 0.10
C HIS A 142 -2.30 0.43 1.17
N GLU A 143 -3.18 -0.56 1.02
CA GLU A 143 -4.28 -0.74 1.96
C GLU A 143 -3.79 -1.15 3.34
N LEU A 144 -2.89 -2.13 3.42
CA LEU A 144 -2.41 -2.54 4.75
C LEU A 144 -1.63 -1.41 5.42
N THR A 145 -0.96 -0.58 4.62
CA THR A 145 -0.23 0.55 5.19
C THR A 145 -1.18 1.56 5.82
N HIS A 146 -2.41 1.72 5.32
CA HIS A 146 -3.36 2.57 6.03
C HIS A 146 -3.55 2.08 7.47
N ALA A 147 -3.63 0.77 7.68
CA ALA A 147 -3.75 0.23 9.03
C ALA A 147 -2.52 0.58 9.87
N VAL A 148 -1.32 0.44 9.30
CA VAL A 148 -0.10 0.82 10.00
C VAL A 148 -0.15 2.30 10.39
N THR A 149 -0.48 3.18 9.44
CA THR A 149 -0.60 4.59 9.76
C THR A 149 -1.59 4.83 10.88
N ASP A 150 -2.76 4.20 10.80
CA ASP A 150 -3.79 4.45 11.79
C ASP A 150 -3.33 4.04 13.19
N TYR A 151 -2.51 3.00 13.30
CA TYR A 151 -2.03 2.54 14.59
C TYR A 151 -0.83 3.31 15.09
N THR A 152 -0.20 4.12 14.24
CA THR A 152 1.05 4.81 14.60
C THR A 152 0.78 6.30 14.57
N ALA A 153 1.16 7.01 13.50
CA ALA A 153 0.98 8.46 13.47
C ALA A 153 -0.47 8.86 13.60
N GLY A 154 -1.39 8.08 13.03
CA GLY A 154 -2.81 8.39 13.16
C GLY A 154 -3.27 9.57 12.32
N LEU A 155 -2.56 9.85 11.23
CA LEU A 155 -2.85 10.99 10.36
C LEU A 155 -4.31 11.06 9.99
N ILE A 156 -4.96 12.18 10.32
CA ILE A 156 -6.35 12.41 10.03
C ILE A 156 -6.54 12.50 8.52
N TYR A 157 -7.62 11.93 8.01
CA TYR A 157 -7.77 11.70 6.57
C TYR A 157 -8.43 12.91 5.88
N GLN A 158 -7.77 14.06 5.99
N GLN A 158 -7.73 14.04 5.92
CA GLN A 158 -8.20 15.22 5.24
CA GLN A 158 -8.24 15.33 5.46
C GLN A 158 -7.05 16.20 5.15
C GLN A 158 -7.07 16.29 5.23
N ASN A 159 -7.12 17.05 4.14
CA ASN A 159 -6.17 18.16 3.97
C ASN A 159 -4.73 17.65 3.99
N GLU A 160 -3.78 18.41 4.52
CA GLU A 160 -2.38 17.99 4.41
C GLU A 160 -2.09 16.71 5.17
N SER A 161 -2.61 16.53 6.40
CA SER A 161 -2.34 15.27 7.09
C SER A 161 -2.86 14.09 6.29
N GLY A 162 -3.99 14.26 5.60
CA GLY A 162 -4.55 13.18 4.79
C GLY A 162 -3.76 12.90 3.54
N ALA A 163 -3.18 13.94 2.92
CA ALA A 163 -2.29 13.74 1.79
C ALA A 163 -1.01 13.04 2.22
N ILE A 164 -0.50 13.33 3.42
CA ILE A 164 0.64 12.57 3.94
C ILE A 164 0.23 11.13 4.14
N ASN A 165 -0.94 10.89 4.75
CA ASN A 165 -1.46 9.55 4.94
C ASN A 165 -1.46 8.78 3.61
N GLU A 166 -2.01 9.41 2.57
CA GLU A 166 -2.03 8.79 1.25
C GLU A 166 -0.63 8.51 0.73
N ALA A 167 0.26 9.50 0.81
CA ALA A 167 1.60 9.30 0.30
C ALA A 167 2.32 8.17 1.03
N ILE A 168 2.14 8.07 2.34
CA ILE A 168 2.75 6.96 3.08
C ILE A 168 2.29 5.62 2.51
N SER A 169 1.00 5.50 2.22
CA SER A 169 0.49 4.28 1.61
C SER A 169 1.05 4.04 0.21
N ASP A 170 1.21 5.10 -0.62
CA ASP A 170 1.82 4.91 -1.94
C ASP A 170 3.31 4.55 -1.83
N ILE A 171 4.03 5.21 -0.92
CA ILE A 171 5.44 4.96 -0.72
C ILE A 171 5.67 3.51 -0.32
N PHE A 172 5.02 3.06 0.75
CA PHE A 172 5.23 1.68 1.19
C PHE A 172 4.59 0.68 0.24
N GLY A 173 3.49 1.03 -0.44
CA GLY A 173 3.00 0.15 -1.48
C GLY A 173 4.05 -0.10 -2.54
N THR A 174 4.74 0.96 -2.95
CA THR A 174 5.81 0.86 -3.93
C THR A 174 7.01 0.11 -3.38
N LEU A 175 7.40 0.37 -2.13
CA LEU A 175 8.55 -0.33 -1.57
C LEU A 175 8.27 -1.83 -1.42
N VAL A 176 7.01 -2.21 -1.11
CA VAL A 176 6.65 -3.63 -1.11
C VAL A 176 6.73 -4.21 -2.52
N GLU A 177 6.25 -3.46 -3.51
CA GLU A 177 6.36 -3.92 -4.89
C GLU A 177 7.82 -4.17 -5.28
N PHE A 178 8.73 -3.27 -4.89
CA PHE A 178 10.15 -3.52 -5.13
C PHE A 178 10.65 -4.72 -4.34
N TYR A 179 10.21 -4.88 -3.09
CA TYR A 179 10.63 -6.00 -2.25
C TYR A 179 10.29 -7.32 -2.92
N ALA A 180 9.10 -7.45 -3.51
CA ALA A 180 8.71 -8.67 -4.20
C ALA A 180 9.42 -8.80 -5.54
N ASN A 181 9.82 -7.68 -6.13
CA ASN A 181 10.69 -7.62 -7.31
C ASN A 181 10.07 -8.22 -8.56
N LYS A 182 8.77 -8.04 -8.76
CA LYS A 182 8.11 -8.43 -10.00
C LYS A 182 7.60 -7.15 -10.68
N ASN A 183 8.23 -6.81 -11.80
CA ASN A 183 7.91 -5.62 -12.57
C ASN A 183 7.76 -4.37 -11.70
N PRO A 184 8.74 -4.08 -10.83
CA PRO A 184 8.57 -2.94 -9.92
C PRO A 184 8.73 -1.62 -10.65
N ASP A 185 8.03 -0.63 -10.14
CA ASP A 185 8.04 0.72 -10.70
C ASP A 185 7.60 1.69 -9.61
N TRP A 186 7.61 2.97 -9.98
CA TRP A 186 7.20 4.06 -9.13
C TRP A 186 5.80 4.56 -9.51
N GLU A 187 5.01 3.69 -10.14
CA GLU A 187 3.63 3.97 -10.53
C GLU A 187 2.70 3.22 -9.58
N ILE A 188 1.45 3.67 -9.46
CA ILE A 188 0.49 3.08 -8.51
C ILE A 188 -0.66 2.43 -9.28
N GLY A 189 -0.84 1.13 -9.08
CA GLY A 189 -2.03 0.45 -9.56
C GLY A 189 -1.98 -0.03 -11.00
N GLU A 190 -0.83 0.08 -11.66
CA GLU A 190 -0.73 -0.24 -13.07
C GLU A 190 -1.18 -1.66 -13.42
N ASP A 191 -1.03 -2.62 -12.51
CA ASP A 191 -1.32 -4.01 -12.86
C ASP A 191 -2.81 -4.28 -12.94
N VAL A 192 -3.66 -3.42 -12.35
CA VAL A 192 -5.10 -3.64 -12.32
C VAL A 192 -5.89 -2.51 -12.95
N TYR A 193 -5.24 -1.43 -13.36
CA TYR A 193 -5.94 -0.26 -13.89
C TYR A 193 -6.08 -0.37 -15.40
N THR A 194 -7.28 -0.02 -15.91
CA THR A 194 -7.57 0.13 -17.34
C THR A 194 -6.98 -1.01 -18.17
N PRO A 195 -7.57 -2.20 -18.13
CA PRO A 195 -7.03 -3.29 -18.93
C PRO A 195 -6.96 -3.00 -20.42
N GLY A 196 -7.80 -2.09 -20.92
CA GLY A 196 -7.73 -1.75 -22.34
C GLY A 196 -6.70 -0.70 -22.73
N ILE A 197 -5.93 -0.16 -21.78
CA ILE A 197 -4.94 0.88 -22.05
C ILE A 197 -3.61 0.45 -21.45
N SER A 198 -2.59 0.29 -22.28
CA SER A 198 -1.29 -0.12 -21.78
C SER A 198 -0.47 1.08 -21.32
N GLY A 199 0.33 0.87 -20.29
CA GLY A 199 1.34 1.83 -19.93
C GLY A 199 0.89 2.95 -19.03
N ASP A 200 -0.34 2.92 -18.52
CA ASP A 200 -0.88 3.95 -17.66
C ASP A 200 -0.98 3.41 -16.23
N SER A 201 -1.43 4.25 -15.33
CA SER A 201 -1.59 3.89 -13.92
C SER A 201 -2.49 4.94 -13.29
N LEU A 202 -2.86 4.68 -12.04
CA LEU A 202 -3.73 5.60 -11.32
C LEU A 202 -2.99 6.87 -10.89
N ARG A 203 -1.76 6.73 -10.41
CA ARG A 203 -0.90 7.84 -10.01
C ARG A 203 0.52 7.47 -10.41
N SER A 204 1.36 8.48 -10.55
CA SER A 204 2.78 8.30 -10.71
C SER A 204 3.51 9.03 -9.58
N MET A 205 4.46 8.35 -8.93
CA MET A 205 5.30 9.04 -7.96
C MET A 205 6.46 9.75 -8.62
N SER A 206 6.99 9.20 -9.71
CA SER A 206 8.12 9.79 -10.40
C SER A 206 7.72 11.06 -11.15
N ASP A 207 6.49 11.14 -11.62
CA ASP A 207 6.01 12.33 -12.32
C ASP A 207 4.51 12.45 -12.06
N PRO A 208 4.13 12.93 -10.88
CA PRO A 208 2.70 12.98 -10.55
C PRO A 208 1.87 13.74 -11.57
N ALA A 209 2.48 14.74 -12.22
CA ALA A 209 1.75 15.58 -13.15
C ALA A 209 1.28 14.81 -14.38
N LYS A 210 1.86 13.63 -14.66
CA LYS A 210 1.40 12.80 -15.77
C LYS A 210 -0.09 12.52 -15.68
N TYR A 211 -0.62 12.42 -14.46
CA TYR A 211 -2.04 12.16 -14.23
C TYR A 211 -2.73 13.33 -13.56
N GLY A 212 -2.17 14.54 -13.70
CA GLY A 212 -2.80 15.74 -13.21
C GLY A 212 -2.52 16.10 -11.77
N ASP A 213 -1.70 15.34 -11.08
CA ASP A 213 -1.48 15.62 -9.67
C ASP A 213 -0.29 16.56 -9.48
N PRO A 214 -0.32 17.40 -8.46
CA PRO A 214 0.76 18.38 -8.27
C PRO A 214 2.08 17.74 -7.90
N ASP A 215 3.15 18.40 -8.34
CA ASP A 215 4.53 17.99 -8.05
C ASP A 215 5.30 19.12 -7.39
N HIS A 216 4.58 20.09 -6.86
CA HIS A 216 5.16 21.23 -6.18
C HIS A 216 4.09 21.83 -5.30
N TYR A 217 4.47 22.30 -4.11
CA TYR A 217 3.50 22.84 -3.15
C TYR A 217 2.72 24.00 -3.73
N SER A 218 3.32 24.78 -4.64
CA SER A 218 2.62 25.91 -5.24
C SER A 218 1.44 25.48 -6.09
N LYS A 219 1.37 24.20 -6.47
CA LYS A 219 0.29 23.64 -7.29
C LYS A 219 -0.71 22.84 -6.48
N ARG A 220 -0.66 22.94 -5.15
CA ARG A 220 -1.54 22.14 -4.31
C ARG A 220 -2.99 22.52 -4.52
N TYR A 221 -3.86 21.54 -4.34
CA TYR A 221 -5.29 21.71 -4.38
C TYR A 221 -5.80 22.15 -3.02
N THR A 222 -6.68 23.14 -3.02
CA THR A 222 -7.15 23.79 -1.80
C THR A 222 -8.65 23.68 -1.62
N GLY A 223 -9.35 22.96 -2.49
CA GLY A 223 -10.79 22.79 -2.40
C GLY A 223 -11.18 21.64 -1.50
N THR A 224 -12.45 21.25 -1.60
CA THR A 224 -13.02 20.31 -0.66
C THR A 224 -13.21 18.90 -1.22
N GLN A 225 -13.11 18.69 -2.52
CA GLN A 225 -13.28 17.37 -3.09
C GLN A 225 -12.22 16.42 -2.52
N ASP A 226 -12.55 15.12 -2.46
CA ASP A 226 -11.57 14.11 -2.09
C ASP A 226 -10.96 14.40 -0.71
N ASN A 227 -11.80 14.81 0.24
CA ASN A 227 -11.34 15.10 1.61
C ASN A 227 -10.25 16.17 1.61
N GLY A 228 -10.39 17.18 0.76
CA GLY A 228 -9.37 18.19 0.62
C GLY A 228 -8.20 17.76 -0.22
N GLY A 229 -8.43 16.89 -1.21
CA GLY A 229 -7.40 16.49 -2.14
C GLY A 229 -6.40 15.47 -1.63
N VAL A 230 -6.81 14.52 -0.79
CA VAL A 230 -5.83 13.61 -0.20
C VAL A 230 -5.12 12.76 -1.26
N HIS A 231 -5.83 12.37 -2.33
CA HIS A 231 -5.21 11.58 -3.39
C HIS A 231 -4.59 12.44 -4.48
N ILE A 232 -4.68 13.76 -4.35
CA ILE A 232 -4.16 14.73 -5.31
C ILE A 232 -2.86 15.29 -4.75
N ASN A 233 -2.94 15.92 -3.58
CA ASN A 233 -1.78 16.53 -2.95
C ASN A 233 -0.78 15.51 -2.46
N SER A 234 -1.16 14.23 -2.40
CA SER A 234 -0.16 13.19 -2.15
C SER A 234 0.96 13.23 -3.18
N GLY A 235 0.69 13.77 -4.38
CA GLY A 235 1.72 13.85 -5.40
C GLY A 235 2.93 14.66 -4.97
N ILE A 236 2.71 15.68 -4.14
CA ILE A 236 3.82 16.52 -3.69
C ILE A 236 4.78 15.73 -2.83
N ILE A 237 4.23 14.90 -1.93
CA ILE A 237 5.05 14.08 -1.05
C ILE A 237 5.61 12.87 -1.78
N ASN A 238 4.80 12.25 -2.66
CA ASN A 238 5.30 11.15 -3.47
C ASN A 238 6.50 11.58 -4.28
N LYS A 239 6.43 12.78 -4.87
CA LYS A 239 7.56 13.29 -5.66
C LYS A 239 8.79 13.48 -4.78
N ALA A 240 8.61 14.05 -3.58
CA ALA A 240 9.75 14.20 -2.69
C ALA A 240 10.38 12.86 -2.35
N ALA A 241 9.54 11.85 -2.07
CA ALA A 241 10.05 10.53 -1.74
C ALA A 241 10.81 9.92 -2.91
N TYR A 242 10.22 10.02 -4.11
CA TYR A 242 10.90 9.56 -5.32
C TYR A 242 12.26 10.23 -5.47
N LEU A 243 12.34 11.55 -5.25
CA LEU A 243 13.61 12.26 -5.38
C LEU A 243 14.61 11.80 -4.34
N ILE A 244 14.18 11.63 -3.09
CA ILE A 244 15.10 11.14 -2.06
C ILE A 244 15.74 9.83 -2.51
N SER A 245 14.92 8.90 -3.01
CA SER A 245 15.44 7.60 -3.39
C SER A 245 16.28 7.66 -4.67
N GLN A 246 15.73 8.23 -5.72
CA GLN A 246 16.26 8.10 -7.07
C GLN A 246 17.06 9.30 -7.54
N GLY A 247 16.91 10.44 -6.88
CA GLY A 247 17.55 11.67 -7.28
C GLY A 247 16.92 12.30 -8.51
N GLY A 248 17.37 13.49 -8.83
CA GLY A 248 16.90 14.22 -10.00
C GLY A 248 17.01 15.70 -9.76
N THR A 249 16.81 16.47 -10.83
CA THR A 249 16.73 17.92 -10.73
C THR A 249 15.33 18.33 -11.13
N HIS A 250 14.62 18.99 -10.21
CA HIS A 250 13.20 19.23 -10.31
C HIS A 250 12.97 20.71 -10.00
N TYR A 251 12.38 21.43 -10.96
CA TYR A 251 12.26 22.88 -10.88
C TYR A 251 13.60 23.52 -10.53
N GLY A 252 14.67 23.00 -11.11
CA GLY A 252 16.00 23.54 -10.96
C GLY A 252 16.75 23.14 -9.71
N VAL A 253 16.14 22.36 -8.81
CA VAL A 253 16.74 21.96 -7.54
C VAL A 253 17.23 20.52 -7.69
N SER A 254 18.52 20.31 -7.47
CA SER A 254 19.14 18.99 -7.65
C SER A 254 19.14 18.19 -6.36
N VAL A 255 18.75 16.93 -6.47
CA VAL A 255 18.69 16.00 -5.34
C VAL A 255 19.56 14.81 -5.67
N VAL A 256 20.47 14.47 -4.76
CA VAL A 256 21.29 13.26 -4.88
C VAL A 256 20.51 12.10 -4.26
N GLY A 257 20.21 11.08 -5.07
CA GLY A 257 19.45 9.96 -4.57
C GLY A 257 20.26 9.11 -3.60
N ILE A 258 19.56 8.56 -2.60
CA ILE A 258 20.17 7.69 -1.60
C ILE A 258 19.63 6.28 -1.63
N GLY A 259 18.68 5.97 -2.51
CA GLY A 259 18.17 4.62 -2.69
C GLY A 259 16.94 4.29 -1.87
N ARG A 260 16.27 3.22 -2.29
CA ARG A 260 14.96 2.86 -1.74
C ARG A 260 15.04 2.44 -0.28
N ASP A 261 16.08 1.67 0.07
CA ASP A 261 16.13 1.15 1.43
C ASP A 261 16.23 2.29 2.43
N LYS A 262 17.07 3.27 2.15
CA LYS A 262 17.21 4.40 3.06
C LYS A 262 15.96 5.27 3.06
N LEU A 263 15.31 5.44 1.90
CA LEU A 263 14.01 6.11 1.88
C LEU A 263 13.06 5.44 2.86
N GLY A 264 12.95 4.11 2.76
CA GLY A 264 12.03 3.38 3.61
C GLY A 264 12.37 3.51 5.09
N LYS A 265 13.66 3.47 5.44
CA LYS A 265 14.06 3.62 6.83
C LYS A 265 13.66 5.01 7.34
N ILE A 266 13.93 6.04 6.55
CA ILE A 266 13.65 7.41 6.97
C ILE A 266 12.15 7.61 7.17
N PHE A 267 11.35 7.18 6.19
CA PHE A 267 9.91 7.41 6.31
C PHE A 267 9.27 6.52 7.35
N TYR A 268 9.77 5.28 7.54
CA TYR A 268 9.21 4.43 8.57
C TYR A 268 9.46 5.05 9.94
N ARG A 269 10.68 5.55 10.16
CA ARG A 269 10.99 6.19 11.43
C ARG A 269 10.16 7.47 11.62
N ALA A 270 10.00 8.26 10.57
CA ALA A 270 9.18 9.46 10.70
C ALA A 270 7.76 9.10 11.08
N LEU A 271 7.20 8.09 10.40
CA LEU A 271 5.82 7.67 10.64
C LEU A 271 5.60 7.21 12.07
N THR A 272 6.55 6.44 12.60
CA THR A 272 6.36 5.77 13.86
C THR A 272 6.92 6.51 15.06
N GLN A 273 7.78 7.50 14.86
CA GLN A 273 8.38 8.23 15.98
C GLN A 273 8.03 9.71 16.02
N TYR A 274 7.72 10.34 14.90
CA TYR A 274 7.63 11.80 14.91
C TYR A 274 6.30 12.35 14.43
N LEU A 275 5.64 11.74 13.46
CA LEU A 275 4.38 12.30 12.96
C LEU A 275 3.27 12.13 13.99
N THR A 276 2.30 13.02 13.91
CA THR A 276 1.13 13.02 14.78
C THR A 276 -0.11 13.11 13.92
N PRO A 277 -1.31 13.00 14.51
CA PRO A 277 -2.51 12.94 13.67
C PRO A 277 -2.70 14.18 12.82
N THR A 278 -2.21 15.33 13.25
CA THR A 278 -2.44 16.57 12.54
C THR A 278 -1.20 17.12 11.84
N SER A 279 -0.16 16.32 11.66
CA SER A 279 1.03 16.83 10.99
C SER A 279 0.70 17.36 9.61
N ASN A 280 1.29 18.52 9.28
CA ASN A 280 1.23 19.08 7.94
C ASN A 280 2.53 18.81 7.18
N PHE A 281 2.59 19.29 5.93
CA PHE A 281 3.74 18.98 5.09
C PHE A 281 5.05 19.50 5.68
N SER A 282 5.03 20.72 6.22
N SER A 282 5.05 20.71 6.23
CA SER A 282 6.23 21.28 6.84
CA SER A 282 6.29 21.22 6.82
C SER A 282 6.69 20.41 8.00
C SER A 282 6.71 20.40 8.03
N GLN A 283 5.75 19.91 8.80
CA GLN A 283 6.06 19.03 9.91
C GLN A 283 6.57 17.68 9.45
N LEU A 284 6.07 17.18 8.31
CA LEU A 284 6.65 15.98 7.73
C LEU A 284 8.11 16.22 7.34
N ARG A 285 8.41 17.35 6.70
CA ARG A 285 9.80 17.63 6.37
C ARG A 285 10.66 17.55 7.62
N ALA A 286 10.22 18.22 8.69
CA ALA A 286 11.01 18.22 9.92
C ALA A 286 11.17 16.80 10.47
N ALA A 287 10.10 16.00 10.42
CA ALA A 287 10.18 14.63 10.90
C ALA A 287 11.16 13.81 10.07
N ALA A 288 11.15 13.99 8.75
CA ALA A 288 12.07 13.25 7.88
C ALA A 288 13.51 13.68 8.12
N VAL A 289 13.74 14.98 8.29
CA VAL A 289 15.08 15.48 8.60
C VAL A 289 15.58 14.88 9.90
N GLN A 290 14.74 14.91 10.94
CA GLN A 290 15.14 14.35 12.23
C GLN A 290 15.41 12.86 12.12
N SER A 291 14.56 12.13 11.39
CA SER A 291 14.72 10.69 11.24
C SER A 291 16.03 10.36 10.54
N ALA A 292 16.33 11.08 9.46
CA ALA A 292 17.60 10.86 8.75
C ALA A 292 18.78 11.22 9.63
N THR A 293 18.64 12.25 10.45
CA THR A 293 19.70 12.62 11.38
C THR A 293 19.95 11.50 12.38
N ASP A 294 18.88 10.95 12.95
CA ASP A 294 19.00 9.83 13.89
C ASP A 294 19.73 8.65 13.25
N LEU A 295 19.37 8.33 12.00
CA LEU A 295 19.86 7.12 11.35
C LEU A 295 21.25 7.27 10.78
N TYR A 296 21.59 8.46 10.25
CA TYR A 296 22.77 8.63 9.42
C TYR A 296 23.68 9.76 9.85
N GLY A 297 23.24 10.64 10.73
CA GLY A 297 24.07 11.71 11.25
C GLY A 297 23.76 13.05 10.61
N SER A 298 23.96 14.12 11.38
CA SER A 298 23.54 15.45 10.93
C SER A 298 24.29 15.91 9.69
N THR A 299 25.54 15.47 9.51
CA THR A 299 26.33 15.91 8.37
C THR A 299 26.27 14.94 7.19
N SER A 300 25.34 13.98 7.23
CA SER A 300 25.29 12.94 6.22
C SER A 300 24.70 13.43 4.91
N GLN A 301 25.03 12.70 3.85
CA GLN A 301 24.37 12.90 2.57
C GLN A 301 22.87 12.67 2.68
N GLU A 302 22.48 11.68 3.50
CA GLU A 302 21.07 11.35 3.61
C GLU A 302 20.26 12.55 4.10
N VAL A 303 20.74 13.22 5.15
CA VAL A 303 20.07 14.43 5.64
C VAL A 303 20.04 15.51 4.57
N ALA A 304 21.18 15.73 3.90
CA ALA A 304 21.24 16.77 2.87
C ALA A 304 20.24 16.50 1.76
N SER A 305 20.07 15.23 1.38
CA SER A 305 19.17 14.89 0.29
C SER A 305 17.70 15.02 0.69
N VAL A 306 17.35 14.71 1.95
CA VAL A 306 16.00 14.97 2.42
C VAL A 306 15.68 16.44 2.27
N LYS A 307 16.59 17.31 2.70
CA LYS A 307 16.35 18.75 2.59
C LYS A 307 16.21 19.19 1.14
N GLN A 308 17.09 18.71 0.26
CA GLN A 308 16.99 19.09 -1.16
C GLN A 308 15.67 18.64 -1.76
N ALA A 309 15.21 17.44 -1.41
CA ALA A 309 13.98 16.91 -2.01
C ALA A 309 12.77 17.73 -1.59
N PHE A 310 12.68 18.08 -0.30
CA PHE A 310 11.57 18.93 0.13
C PHE A 310 11.70 20.34 -0.45
N ASP A 311 12.92 20.88 -0.57
CA ASP A 311 13.08 22.14 -1.28
C ASP A 311 12.55 22.05 -2.71
N ALA A 312 12.88 20.94 -3.40
CA ALA A 312 12.50 20.80 -4.79
C ALA A 312 10.99 20.82 -5.00
N VAL A 313 10.23 20.34 -4.01
CA VAL A 313 8.77 20.34 -4.10
C VAL A 313 8.16 21.53 -3.34
N GLY A 314 8.97 22.48 -2.90
CA GLY A 314 8.43 23.69 -2.32
C GLY A 314 7.94 23.62 -0.90
N VAL A 315 8.40 22.62 -0.13
CA VAL A 315 7.97 22.44 1.26
C VAL A 315 9.12 22.84 2.17
N LYS A 316 8.90 23.89 2.96
CA LYS A 316 9.92 24.39 3.87
C LYS A 316 9.66 23.92 5.29
ZN ZN B . -5.22 5.24 0.31
CA CA C . -11.06 -25.52 -5.39
CA CA D . 3.40 -0.06 -9.06
CA CA E . 4.68 -2.81 -11.37
CA CA F . -3.99 0.12 -18.00
C10 8L5 G . -11.12 6.28 4.15
C11 8L5 G . -12.04 5.32 4.86
C12 8L5 G . -12.89 4.49 4.15
C13 8L5 G . -13.74 3.62 4.81
C14 8L5 G . -13.75 3.56 6.20
C15 8L5 G . -12.90 4.37 6.91
C16 8L5 G . -12.05 5.24 6.26
O01 8L5 G . -6.93 5.36 -0.68
P01 8L5 G . -7.82 4.14 -0.59
N01 8L5 G . -7.98 3.52 -2.14
C01 8L5 G . -6.88 3.67 -3.10
C02 8L5 G . -6.91 2.48 -4.06
C03 8L5 G . -5.80 2.48 -5.11
C04 8L5 G . -4.45 2.22 -4.47
C05 8L5 G . -6.08 1.46 -6.19
C06 8L5 G . -7.04 4.93 -3.93
O02 8L5 G . -6.13 5.57 -4.34
O03 8L5 G . -7.28 3.16 0.41
C08 8L5 G . -9.52 4.61 -0.10
N04 8L5 G . -9.57 4.76 1.31
C09 8L5 G . -10.44 5.65 1.97
O04 8L5 G . -10.22 5.59 3.33
O05 8L5 G . -11.23 6.33 1.40
N02 8L5 G . -8.37 5.27 -4.25
C07 8L5 G . -8.74 6.39 -5.10
N03 8L5 G . -8.64 6.02 -6.46
N03 8L5 G . -9.18 7.61 -4.50
H22 8L5 G . -10.63 6.80 4.80
H21 8L5 G . -11.65 6.89 3.60
H23 8L5 G . -12.91 4.52 3.22
H24 8L5 G . -14.32 3.07 4.33
H25 8L5 G . -14.32 2.96 6.63
H26 8L5 G . -12.90 4.32 7.85
H27 8L5 G . -11.49 5.79 6.75
H02 8L5 G . -6.04 3.68 -2.63
H03 8L5 G . -7.77 2.48 -4.53
H04 8L5 G . -6.84 1.67 -3.54
H05 8L5 G . -5.78 3.36 -5.52
H06 8L5 G . -4.45 1.35 -4.03
H08 8L5 G . -4.25 2.90 -3.82
H07 8L5 G . -3.76 2.23 -5.16
H09 8L5 G . -6.05 0.57 -5.81
H11 8L5 G . -5.42 1.54 -6.89
H10 8L5 G . -6.97 1.61 -6.56
H20 8L5 G . -9.05 4.29 1.79
H12 8L5 G . -9.00 4.75 -3.97
H13 8L5 G . -7.88 6.70 -4.76
H14 8L5 G . -9.60 6.11 -4.75
H16 8L5 G . -8.41 5.16 -6.52
H16 8L5 G . -9.14 7.52 -3.61
H3 8L5 G . -8.02 6.52 -6.86
H3 8L5 G . -8.66 8.27 -4.77
H01 8L5 G . -8.73 3.17 -2.38
H18 8L5 G . -10.14 3.91 -0.39
H19 8L5 G . -9.76 5.45 -0.54
C1 MPD H . -14.17 4.61 -0.19
C2 MPD H . -15.64 4.26 0.05
O2 MPD H . -16.22 3.76 -1.19
CM MPD H . -15.70 3.19 1.14
C3 MPD H . -16.48 5.45 0.53
C4 MPD H . -16.59 6.67 -0.35
O4 MPD H . -16.88 6.34 -1.70
C5 MPD H . -17.67 7.60 0.18
C1 MPD I . 25.64 20.13 10.71
C2 MPD I . 24.68 21.31 10.60
O2 MPD I . 23.32 20.84 10.77
CM MPD I . 25.00 22.35 11.67
C3 MPD I . 24.85 22.01 9.26
C4 MPD I . 24.50 21.16 8.07
O4 MPD I . 24.13 22.05 7.05
C5 MPD I . 25.69 20.32 7.65
S DMS J . -19.83 -19.09 -7.52
O DMS J . -20.69 -17.87 -7.83
C1 DMS J . -18.47 -18.94 -8.69
C2 DMS J . -18.99 -18.69 -5.96
S DMS K . -4.90 -23.22 13.49
O DMS K . -5.52 -24.14 14.50
C1 DMS K . -4.98 -21.53 14.13
C2 DMS K . -3.11 -23.41 13.71
S DMS L . 19.11 0.12 -2.46
O DMS L . 18.39 1.01 -1.50
C1 DMS L . 20.14 -1.02 -1.49
C2 DMS L . 17.95 -1.05 -3.20
#